data_2QB4
#
_entry.id   2QB4
#
_cell.length_a   88.290
_cell.length_b   86.770
_cell.length_c   81.250
_cell.angle_alpha   90.00
_cell.angle_beta   96.02
_cell.angle_gamma   90.00
#
_symmetry.space_group_name_H-M   'C 1 2 1'
#
loop_
_entity.id
_entity.type
_entity.pdbx_description
1 polymer Transporter
2 non-polymer 'octyl beta-D-glucopyranoside'
3 non-polymer 'SODIUM ION'
4 non-polymer LEUCINE
5 non-polymer 3-(10,11-DIHYDRO-5H-DIBENZO[B,F]AZEPIN-5-YL)-N-METHYLPROPAN-1-AMINE
6 water water
#
_entity_poly.entity_id   1
_entity_poly.type   'polypeptide(L)'
_entity_poly.pdbx_seq_one_letter_code
;MEVKREHWATRLGLILAMAGNAVGLGNFLRFPVQAAENGGGAFMIPYIIAFLLVGIPLMWIEWAMGRYGGAQGHGTTPAI
FYLLWRNRFAKILGVFGLWIPLVVAIYYVYIESWTLGFAIKFLVGLVPEPPPNATDPDSILRPFKEFLYSYIGVPKGDEP
ILKPSLFAYIVFLITMFINVSILIRGISKGIERFAKIAMPTLFILAVFLVIRVFLLETPNGTAADGLNFLWTPDFEKLKD
PGVWIAAVGQIFFTLSLGFGAIITYASYVRKDQDIVLSGLTAATLNEKAEVILGGSISIPAAVAFFGVANAVAIAKAGAF
NLGFITLPAIFSQTAGGTFLGFLWFFLLFFAGLTSSIAIMQPMIAFLEDELKLSRKHAVLWTAAIVFFSAHLVMFLNKSL
DEMDFWAGTIGVVFFGLTELIIFFWIFGADKAWEEINRGGIIKVPRIYYYVMRYITPAFLAVLLVVWAREYIPKIMEETH
WTVWITRFYIIGLFLFLTFLVFLAERRRNHESAGTLVPR
;
_entity_poly.pdbx_strand_id   A
#
loop_
_chem_comp.id
_chem_comp.type
_chem_comp.name
_chem_comp.formula
BOG D-saccharide 'octyl beta-D-glucopyranoside' 'C14 H28 O6'
DSM non-polymer 3-(10,11-DIHYDRO-5H-DIBENZO[B,F]AZEPIN-5-YL)-N-METHYLPROPAN-1-AMINE 'C18 H22 N2'
NA non-polymer 'SODIUM ION' 'Na 1'
#
# COMPACT_ATOMS: atom_id res chain seq x y z
N ARG A 5 21.80 -12.25 11.13
CA ARG A 5 20.67 -11.70 10.33
C ARG A 5 21.19 -10.98 9.09
N GLU A 6 20.42 -11.02 8.00
CA GLU A 6 20.85 -10.30 6.81
C GLU A 6 20.75 -8.84 7.17
N HIS A 7 21.50 -7.99 6.47
CA HIS A 7 21.47 -6.55 6.74
C HIS A 7 21.53 -5.82 5.41
N TRP A 8 20.95 -4.63 5.35
CA TRP A 8 21.00 -3.84 4.13
C TRP A 8 22.48 -3.52 3.91
N ALA A 9 22.92 -3.66 2.66
CA ALA A 9 24.32 -3.41 2.33
C ALA A 9 24.75 -1.95 2.40
N THR A 10 23.98 -1.07 1.79
CA THR A 10 24.30 0.35 1.77
C THR A 10 23.16 1.22 2.29
N ARG A 11 23.48 2.46 2.63
CA ARG A 11 22.49 3.39 3.14
C ARG A 11 21.55 3.76 1.99
N LEU A 12 22.10 3.89 0.79
CA LEU A 12 21.31 4.24 -0.39
C LEU A 12 20.34 3.09 -0.70
N GLY A 13 20.86 1.87 -0.65
CA GLY A 13 20.05 0.70 -0.92
C GLY A 13 18.89 0.63 0.07
N LEU A 14 19.19 0.92 1.33
CA LEU A 14 18.19 0.90 2.39
C LEU A 14 17.10 1.93 2.11
N ILE A 15 17.54 3.14 1.79
CA ILE A 15 16.61 4.24 1.51
C ILE A 15 15.71 3.98 0.31
N LEU A 16 16.28 3.47 -0.78
CA LEU A 16 15.51 3.18 -1.98
C LEU A 16 14.58 2.00 -1.78
N ALA A 17 15.00 1.01 -0.99
CA ALA A 17 14.15 -0.16 -0.72
C ALA A 17 12.93 0.29 0.10
N MET A 18 13.17 1.11 1.12
CA MET A 18 12.11 1.64 1.97
C MET A 18 11.22 2.57 1.15
N ALA A 19 11.84 3.35 0.27
CA ALA A 19 11.09 4.27 -0.60
C ALA A 19 10.21 3.47 -1.56
N GLY A 20 10.71 2.31 -2.01
CA GLY A 20 9.96 1.46 -2.92
C GLY A 20 8.85 0.72 -2.20
N ASN A 21 9.05 0.51 -0.90
CA ASN A 21 8.08 -0.15 -0.03
C ASN A 21 6.87 0.80 -0.03
N ALA A 22 7.14 2.07 0.22
CA ALA A 22 6.11 3.10 0.28
C ALA A 22 5.52 3.51 -1.05
N VAL A 23 6.39 3.90 -2.00
CA VAL A 23 5.93 4.36 -3.30
C VAL A 23 5.36 3.25 -4.19
N GLY A 24 4.05 3.24 -4.34
CA GLY A 24 3.43 2.21 -5.17
C GLY A 24 2.10 2.65 -5.76
N LEU A 25 1.21 1.69 -5.93
CA LEU A 25 -0.12 1.92 -6.48
C LEU A 25 -0.89 2.97 -5.66
N GLY A 26 -0.57 3.10 -4.38
CA GLY A 26 -1.26 4.07 -3.55
C GLY A 26 -1.01 5.51 -4.01
N ASN A 27 0.19 5.74 -4.50
CA ASN A 27 0.59 7.07 -4.97
C ASN A 27 -0.05 7.47 -6.29
N PHE A 28 -0.06 6.54 -7.23
CA PHE A 28 -0.58 6.82 -8.57
C PHE A 28 -2.04 6.49 -8.85
N LEU A 29 -2.60 5.55 -8.10
CA LEU A 29 -3.99 5.16 -8.30
C LEU A 29 -4.90 5.58 -7.17
N ARG A 30 -4.54 5.19 -5.95
CA ARG A 30 -5.37 5.51 -4.79
C ARG A 30 -5.48 7.00 -4.45
N PHE A 31 -4.34 7.67 -4.30
CA PHE A 31 -4.33 9.10 -3.96
C PHE A 31 -5.23 9.98 -4.86
N PRO A 32 -5.09 9.87 -6.19
CA PRO A 32 -5.93 10.69 -7.07
C PRO A 32 -7.43 10.48 -6.83
N VAL A 33 -7.85 9.24 -6.63
CA VAL A 33 -9.26 8.96 -6.38
C VAL A 33 -9.72 9.56 -5.05
N GLN A 34 -8.94 9.37 -3.99
CA GLN A 34 -9.30 9.92 -2.68
C GLN A 34 -9.41 11.44 -2.72
N ALA A 35 -8.43 12.08 -3.35
CA ALA A 35 -8.44 13.54 -3.47
C ALA A 35 -9.59 14.07 -4.34
N ALA A 36 -9.75 13.49 -5.52
CA ALA A 36 -10.81 13.92 -6.44
C ALA A 36 -12.20 13.69 -5.83
N GLU A 37 -12.28 12.62 -5.06
CA GLU A 37 -13.50 12.20 -4.40
C GLU A 37 -13.87 13.08 -3.21
N ASN A 38 -12.87 13.71 -2.60
CA ASN A 38 -13.09 14.54 -1.42
C ASN A 38 -12.85 16.04 -1.62
N GLY A 39 -13.14 16.53 -2.81
CA GLY A 39 -12.98 17.96 -3.08
C GLY A 39 -11.63 18.51 -3.48
N GLY A 40 -10.69 17.65 -3.83
CA GLY A 40 -9.37 18.13 -4.23
C GLY A 40 -8.65 18.85 -3.11
N GLY A 41 -8.53 20.17 -3.23
CA GLY A 41 -7.85 20.97 -2.22
C GLY A 41 -8.40 20.81 -0.82
N ALA A 42 -9.69 20.52 -0.72
CA ALA A 42 -10.32 20.34 0.58
C ALA A 42 -9.77 19.11 1.29
N PHE A 43 -9.33 18.13 0.50
CA PHE A 43 -8.76 16.90 1.02
C PHE A 43 -7.31 17.10 1.47
N MET A 44 -6.61 17.99 0.78
CA MET A 44 -5.21 18.26 1.08
C MET A 44 -4.85 18.81 2.46
N ILE A 45 -5.71 19.63 3.05
CA ILE A 45 -5.39 20.17 4.38
C ILE A 45 -5.35 19.05 5.42
N PRO A 46 -6.43 18.26 5.52
CA PRO A 46 -6.42 17.17 6.49
C PRO A 46 -5.28 16.18 6.19
N TYR A 47 -5.01 16.01 4.90
CA TYR A 47 -3.95 15.12 4.43
C TYR A 47 -2.59 15.55 4.99
N ILE A 48 -2.26 16.83 4.81
CA ILE A 48 -0.99 17.37 5.29
C ILE A 48 -0.92 17.28 6.81
N ILE A 49 -2.02 17.57 7.48
CA ILE A 49 -2.06 17.50 8.93
C ILE A 49 -1.86 16.06 9.39
N ALA A 50 -2.50 15.12 8.69
CA ALA A 50 -2.38 13.71 9.04
C ALA A 50 -0.93 13.24 8.89
N PHE A 51 -0.28 13.71 7.83
CA PHE A 51 1.12 13.37 7.58
C PHE A 51 2.02 13.83 8.75
N LEU A 52 1.77 15.04 9.23
CA LEU A 52 2.55 15.60 10.33
C LEU A 52 2.24 15.01 11.70
N LEU A 53 0.97 14.72 11.96
CA LEU A 53 0.57 14.19 13.26
C LEU A 53 0.49 12.67 13.35
N VAL A 54 0.44 11.99 12.22
CA VAL A 54 0.35 10.53 12.20
C VAL A 54 1.44 9.85 11.38
N GLY A 55 1.54 10.24 10.11
CA GLY A 55 2.52 9.64 9.22
C GLY A 55 3.96 9.65 9.67
N ILE A 56 4.50 10.82 9.93
CA ILE A 56 5.88 10.97 10.37
C ILE A 56 6.16 10.27 11.69
N PRO A 57 5.37 10.57 12.74
CA PRO A 57 5.62 9.90 14.02
C PRO A 57 5.53 8.38 13.97
N LEU A 58 4.51 7.83 13.31
CA LEU A 58 4.41 6.38 13.21
C LEU A 58 5.55 5.76 12.40
N MET A 59 6.03 6.47 11.38
CA MET A 59 7.13 5.96 10.57
C MET A 59 8.33 5.73 11.48
N TRP A 60 8.69 6.74 12.26
CA TRP A 60 9.82 6.60 13.19
C TRP A 60 9.58 5.47 14.18
N ILE A 61 8.37 5.38 14.70
CA ILE A 61 8.06 4.31 15.64
C ILE A 61 8.23 2.92 15.04
N GLU A 62 7.77 2.73 13.80
CA GLU A 62 7.91 1.41 13.18
C GLU A 62 9.36 1.09 12.86
N TRP A 63 10.13 2.08 12.41
CA TRP A 63 11.55 1.84 12.13
C TRP A 63 12.25 1.42 13.41
N ALA A 64 11.91 2.09 14.51
CA ALA A 64 12.50 1.81 15.81
C ALA A 64 12.17 0.39 16.27
N MET A 65 10.88 0.05 16.20
CA MET A 65 10.45 -1.29 16.60
C MET A 65 11.15 -2.35 15.78
N GLY A 66 11.24 -2.12 14.46
CA GLY A 66 11.90 -3.08 13.60
C GLY A 66 13.36 -3.27 13.95
N ARG A 67 14.11 -2.18 14.04
CA ARG A 67 15.53 -2.25 14.35
C ARG A 67 15.73 -2.92 15.72
N TYR A 68 14.88 -2.57 16.68
CA TYR A 68 14.94 -3.13 18.03
C TYR A 68 14.74 -4.65 17.98
N GLY A 69 13.74 -5.09 17.23
CA GLY A 69 13.48 -6.50 17.12
C GLY A 69 14.56 -7.23 16.34
N GLY A 70 15.01 -6.63 15.25
CA GLY A 70 16.04 -7.24 14.43
C GLY A 70 17.31 -7.54 15.21
N ALA A 71 17.65 -6.66 16.16
CA ALA A 71 18.85 -6.81 16.96
C ALA A 71 18.80 -8.10 17.77
N GLN A 72 17.59 -8.59 18.02
CA GLN A 72 17.43 -9.82 18.79
C GLN A 72 17.01 -10.98 17.88
N GLY A 73 17.13 -10.77 16.56
CA GLY A 73 16.75 -11.82 15.63
C GLY A 73 15.27 -11.94 15.29
N HIS A 74 14.50 -10.87 15.49
CA HIS A 74 13.07 -10.91 15.20
C HIS A 74 12.62 -9.75 14.31
N GLY A 75 11.95 -10.08 13.20
CA GLY A 75 11.50 -9.04 12.30
C GLY A 75 10.00 -8.81 12.20
N THR A 76 9.19 -9.63 12.87
CA THR A 76 7.74 -9.46 12.80
C THR A 76 7.11 -9.20 14.17
N THR A 77 5.93 -8.60 14.15
CA THR A 77 5.24 -8.23 15.38
C THR A 77 4.85 -9.29 16.42
N PRO A 78 4.55 -10.54 16.01
CA PRO A 78 4.19 -11.50 17.07
C PRO A 78 5.31 -11.57 18.13
N ALA A 79 6.56 -11.61 17.67
CA ALA A 79 7.71 -11.66 18.55
C ALA A 79 8.09 -10.29 19.12
N ILE A 80 8.14 -9.29 18.25
CA ILE A 80 8.51 -7.94 18.68
C ILE A 80 7.58 -7.37 19.73
N PHE A 81 6.27 -7.54 19.53
CA PHE A 81 5.29 -7.03 20.50
C PHE A 81 5.54 -7.68 21.87
N TYR A 82 5.94 -8.94 21.83
CA TYR A 82 6.20 -9.71 23.04
C TYR A 82 7.47 -9.22 23.72
N LEU A 83 8.45 -8.80 22.91
CA LEU A 83 9.71 -8.30 23.44
C LEU A 83 9.45 -6.99 24.17
N LEU A 84 8.52 -6.20 23.62
CA LEU A 84 8.17 -4.92 24.19
C LEU A 84 7.18 -5.07 25.35
N TRP A 85 6.42 -6.16 25.33
CA TRP A 85 5.43 -6.42 26.35
C TRP A 85 5.30 -7.93 26.53
N ARG A 86 6.01 -8.47 27.52
CA ARG A 86 5.99 -9.90 27.77
C ARG A 86 4.68 -10.40 28.36
N ASN A 87 3.66 -10.40 27.52
CA ASN A 87 2.32 -10.83 27.87
C ASN A 87 1.81 -11.60 26.65
N ARG A 88 1.27 -12.79 26.89
CA ARG A 88 0.78 -13.64 25.81
C ARG A 88 -0.12 -12.88 24.84
N PHE A 89 -0.90 -11.93 25.37
CA PHE A 89 -1.81 -11.16 24.54
C PHE A 89 -1.02 -10.32 23.52
N ALA A 90 0.24 -10.05 23.82
CA ALA A 90 1.08 -9.27 22.91
C ALA A 90 1.32 -10.07 21.64
N LYS A 91 1.47 -11.38 21.81
CA LYS A 91 1.70 -12.27 20.68
C LYS A 91 0.48 -12.34 19.78
N ILE A 92 -0.70 -12.37 20.38
CA ILE A 92 -1.94 -12.46 19.62
C ILE A 92 -2.20 -11.17 18.84
N LEU A 93 -2.00 -10.02 19.49
CA LEU A 93 -2.18 -8.74 18.81
C LEU A 93 -1.16 -8.65 17.70
N GLY A 94 0.00 -9.26 17.93
CA GLY A 94 1.06 -9.27 16.95
C GLY A 94 0.70 -10.00 15.67
N VAL A 95 -0.24 -10.94 15.75
CA VAL A 95 -0.64 -11.68 14.56
C VAL A 95 -1.14 -10.75 13.45
N PHE A 96 -1.71 -9.60 13.82
CA PHE A 96 -2.18 -8.65 12.82
C PHE A 96 -1.04 -8.15 11.95
N GLY A 97 0.18 -8.23 12.47
CA GLY A 97 1.36 -7.79 11.74
C GLY A 97 1.76 -8.78 10.66
N LEU A 98 1.08 -9.93 10.63
CA LEU A 98 1.33 -10.95 9.62
C LEU A 98 0.05 -11.03 8.76
N TRP A 99 -1.10 -10.92 9.42
CA TRP A 99 -2.39 -11.01 8.76
C TRP A 99 -2.67 -9.85 7.80
N ILE A 100 -2.48 -8.63 8.28
CA ILE A 100 -2.74 -7.48 7.43
C ILE A 100 -1.91 -7.49 6.15
N PRO A 101 -0.57 -7.64 6.26
CA PRO A 101 0.19 -7.65 5.01
C PRO A 101 -0.13 -8.82 4.08
N LEU A 102 -0.47 -9.97 4.66
CA LEU A 102 -0.81 -11.15 3.86
C LEU A 102 -2.11 -10.91 3.11
N VAL A 103 -3.13 -10.41 3.81
CA VAL A 103 -4.43 -10.17 3.17
C VAL A 103 -4.31 -9.05 2.12
N VAL A 104 -3.50 -8.04 2.40
CA VAL A 104 -3.35 -6.96 1.43
C VAL A 104 -2.64 -7.48 0.18
N ALA A 105 -1.64 -8.34 0.39
CA ALA A 105 -0.88 -8.91 -0.71
C ALA A 105 -1.78 -9.75 -1.60
N ILE A 106 -2.72 -10.44 -0.97
CA ILE A 106 -3.65 -11.28 -1.71
C ILE A 106 -4.44 -10.55 -2.80
N TYR A 107 -4.71 -9.27 -2.63
CA TYR A 107 -5.41 -8.54 -3.69
C TYR A 107 -4.49 -7.52 -4.36
N TYR A 108 -3.51 -7.03 -3.62
CA TYR A 108 -2.58 -6.03 -4.18
C TYR A 108 -1.78 -6.62 -5.34
N VAL A 109 -1.27 -7.83 -5.17
CA VAL A 109 -0.47 -8.45 -6.24
C VAL A 109 -1.34 -8.66 -7.48
N TYR A 110 -2.63 -8.96 -7.29
CA TYR A 110 -3.51 -9.15 -8.44
C TYR A 110 -3.68 -7.83 -9.18
N ILE A 111 -3.90 -6.72 -8.46
CA ILE A 111 -4.06 -5.44 -9.15
C ILE A 111 -2.76 -5.12 -9.88
N GLU A 112 -1.65 -5.43 -9.24
CA GLU A 112 -0.33 -5.23 -9.83
C GLU A 112 -0.21 -6.02 -11.13
N SER A 113 -0.74 -7.23 -11.13
CA SER A 113 -0.68 -8.07 -12.34
C SER A 113 -1.47 -7.44 -13.48
N TRP A 114 -2.54 -6.70 -13.17
CA TRP A 114 -3.31 -6.06 -14.24
C TRP A 114 -2.43 -5.06 -14.99
N THR A 115 -1.60 -4.33 -14.23
CA THR A 115 -0.73 -3.33 -14.84
C THR A 115 0.31 -3.98 -15.75
N LEU A 116 0.78 -5.16 -15.38
CA LEU A 116 1.75 -5.86 -16.24
C LEU A 116 1.02 -6.33 -17.51
N GLY A 117 -0.20 -6.84 -17.33
CA GLY A 117 -0.99 -7.31 -18.45
C GLY A 117 -1.28 -6.17 -19.41
N PHE A 118 -1.71 -5.04 -18.86
CA PHE A 118 -2.00 -3.87 -19.69
C PHE A 118 -0.72 -3.35 -20.36
N ALA A 119 0.37 -3.31 -19.61
CA ALA A 119 1.64 -2.85 -20.17
C ALA A 119 1.96 -3.69 -21.40
N ILE A 120 1.90 -5.01 -21.24
CA ILE A 120 2.16 -5.91 -22.34
C ILE A 120 1.24 -5.63 -23.53
N LYS A 121 -0.07 -5.60 -23.30
CA LYS A 121 -1.00 -5.35 -24.39
C LYS A 121 -0.83 -3.98 -25.04
N PHE A 122 -0.51 -2.95 -24.25
CA PHE A 122 -0.33 -1.63 -24.83
C PHE A 122 0.96 -1.56 -25.64
N LEU A 123 1.99 -2.24 -25.16
CA LEU A 123 3.27 -2.27 -25.85
C LEU A 123 3.14 -2.86 -27.25
N VAL A 124 2.40 -3.97 -27.35
CA VAL A 124 2.22 -4.64 -28.63
C VAL A 124 1.05 -4.12 -29.44
N GLY A 125 0.37 -3.10 -28.93
CA GLY A 125 -0.74 -2.50 -29.65
C GLY A 125 -2.07 -3.24 -29.69
N LEU A 126 -2.27 -4.19 -28.78
CA LEU A 126 -3.52 -4.94 -28.74
C LEU A 126 -4.46 -4.17 -27.84
N VAL A 127 -4.82 -2.97 -28.27
CA VAL A 127 -5.69 -2.09 -27.52
C VAL A 127 -6.92 -1.67 -28.33
N PRO A 128 -7.95 -1.14 -27.65
CA PRO A 128 -9.17 -0.71 -28.33
C PRO A 128 -8.93 0.45 -29.30
N GLU A 129 -9.71 0.46 -30.38
CA GLU A 129 -9.63 1.51 -31.37
C GLU A 129 -10.82 2.41 -31.09
N PRO A 130 -10.61 3.50 -30.34
CA PRO A 130 -11.74 4.38 -30.05
C PRO A 130 -12.20 4.99 -31.36
N PRO A 131 -13.34 5.68 -31.34
CA PRO A 131 -13.69 6.20 -32.65
C PRO A 131 -13.34 7.63 -33.02
N PRO A 132 -12.95 7.83 -34.29
CA PRO A 132 -12.60 8.99 -35.12
C PRO A 132 -13.71 9.07 -36.15
N THR A 135 -16.01 12.71 -31.28
CA THR A 135 -15.29 13.20 -30.10
C THR A 135 -16.24 13.19 -28.90
N ASP A 136 -17.19 12.26 -28.96
CA ASP A 136 -18.21 12.05 -27.93
C ASP A 136 -17.64 11.17 -26.80
N PRO A 137 -17.35 11.76 -25.64
CA PRO A 137 -16.79 11.12 -24.43
C PRO A 137 -17.10 9.66 -24.16
N ASP A 138 -18.37 9.26 -24.34
CA ASP A 138 -18.73 7.86 -24.09
C ASP A 138 -18.21 6.96 -25.19
N SER A 139 -18.26 7.48 -26.42
CA SER A 139 -17.78 6.72 -27.56
C SER A 139 -16.26 6.58 -27.45
N ILE A 140 -15.65 7.46 -26.66
CA ILE A 140 -14.20 7.44 -26.45
C ILE A 140 -13.82 6.58 -25.24
N LEU A 141 -14.60 6.65 -24.18
CA LEU A 141 -14.32 5.89 -22.96
C LEU A 141 -14.84 4.44 -22.97
N ARG A 142 -15.98 4.21 -23.61
CA ARG A 142 -16.58 2.88 -23.63
C ARG A 142 -15.63 1.76 -24.07
N PRO A 143 -14.89 1.95 -25.17
CA PRO A 143 -13.98 0.89 -25.62
C PRO A 143 -12.97 0.49 -24.54
N PHE A 144 -12.48 1.48 -23.82
CA PHE A 144 -11.50 1.23 -22.77
C PHE A 144 -12.14 0.60 -21.55
N LYS A 145 -13.40 0.95 -21.29
CA LYS A 145 -14.10 0.37 -20.15
C LYS A 145 -14.31 -1.12 -20.44
N GLU A 146 -14.72 -1.43 -21.67
CA GLU A 146 -14.92 -2.81 -22.09
C GLU A 146 -13.61 -3.57 -22.01
N PHE A 147 -12.52 -2.88 -22.32
CA PHE A 147 -11.20 -3.50 -22.31
C PHE A 147 -10.87 -3.96 -20.90
N LEU A 148 -11.08 -3.09 -19.92
CA LEU A 148 -10.81 -3.44 -18.54
C LEU A 148 -11.78 -4.54 -18.07
N TYR A 149 -13.05 -4.35 -18.34
CA TYR A 149 -14.08 -5.30 -17.92
C TYR A 149 -13.86 -6.72 -18.45
N SER A 150 -13.36 -6.85 -19.68
CA SER A 150 -13.10 -8.17 -20.26
C SER A 150 -11.84 -8.79 -19.68
N TYR A 151 -10.92 -7.94 -19.23
CA TYR A 151 -9.67 -8.41 -18.67
C TYR A 151 -9.91 -9.04 -17.31
N ILE A 152 -10.59 -8.33 -16.42
CA ILE A 152 -10.83 -8.88 -15.08
C ILE A 152 -12.11 -9.72 -15.02
N GLY A 153 -12.94 -9.59 -16.04
CA GLY A 153 -14.18 -10.36 -16.12
C GLY A 153 -15.34 -9.88 -15.27
N VAL A 154 -15.64 -8.58 -15.34
CA VAL A 154 -16.75 -8.00 -14.58
C VAL A 154 -18.06 -8.71 -14.92
N PRO A 155 -18.92 -8.95 -13.91
CA PRO A 155 -20.21 -9.64 -14.10
C PRO A 155 -21.13 -8.93 -15.10
N LYS A 156 -21.64 -9.70 -16.06
CA LYS A 156 -22.56 -9.16 -17.05
C LYS A 156 -23.99 -9.47 -16.62
N GLY A 157 -24.13 -10.48 -15.76
CA GLY A 157 -25.45 -10.86 -15.29
C GLY A 157 -25.70 -10.47 -13.85
N ASP A 158 -26.44 -11.33 -13.13
CA ASP A 158 -26.76 -11.06 -11.74
C ASP A 158 -25.83 -11.75 -10.74
N GLU A 159 -25.31 -12.91 -11.12
CA GLU A 159 -24.40 -13.64 -10.24
C GLU A 159 -23.18 -12.76 -9.94
N PRO A 160 -22.75 -12.73 -8.68
CA PRO A 160 -21.60 -11.94 -8.22
C PRO A 160 -20.28 -12.63 -8.55
N ILE A 161 -20.20 -13.18 -9.75
CA ILE A 161 -19.01 -13.92 -10.17
C ILE A 161 -18.20 -13.21 -11.25
N LEU A 162 -16.89 -13.26 -11.09
CA LEU A 162 -15.96 -12.65 -12.05
C LEU A 162 -15.38 -13.78 -12.93
N LYS A 163 -15.08 -13.46 -14.18
CA LYS A 163 -14.50 -14.44 -15.09
C LYS A 163 -13.29 -13.81 -15.77
N PRO A 164 -12.13 -13.78 -15.08
CA PRO A 164 -10.90 -13.20 -15.62
C PRO A 164 -10.52 -13.85 -16.96
N SER A 165 -9.99 -13.05 -17.86
CA SER A 165 -9.58 -13.61 -19.15
C SER A 165 -8.41 -14.56 -18.87
N LEU A 166 -8.14 -15.45 -19.82
CA LEU A 166 -7.04 -16.39 -19.68
C LEU A 166 -5.72 -15.62 -19.60
N PHE A 167 -5.59 -14.57 -20.40
CA PHE A 167 -4.37 -13.77 -20.39
C PHE A 167 -4.15 -13.19 -18.97
N ALA A 168 -5.21 -12.62 -18.38
CA ALA A 168 -5.12 -12.06 -17.03
C ALA A 168 -4.63 -13.10 -16.03
N TYR A 169 -5.17 -14.31 -16.12
CA TYR A 169 -4.78 -15.36 -15.19
C TYR A 169 -3.31 -15.73 -15.31
N ILE A 170 -2.86 -15.90 -16.55
CA ILE A 170 -1.47 -16.23 -16.82
C ILE A 170 -0.53 -15.10 -16.36
N VAL A 171 -0.96 -13.86 -16.58
CA VAL A 171 -0.15 -12.72 -16.17
C VAL A 171 -0.05 -12.66 -14.65
N PHE A 172 -1.08 -13.10 -13.94
CA PHE A 172 -1.02 -13.10 -12.47
C PHE A 172 0.05 -14.10 -12.05
N LEU A 173 0.09 -15.23 -12.74
CA LEU A 173 1.10 -16.26 -12.49
C LEU A 173 2.52 -15.72 -12.72
N ILE A 174 2.69 -14.99 -13.83
CA ILE A 174 3.99 -14.43 -14.16
C ILE A 174 4.36 -13.42 -13.09
N THR A 175 3.38 -12.61 -12.71
CA THR A 175 3.62 -11.60 -11.69
C THR A 175 4.10 -12.24 -10.39
N MET A 176 3.46 -13.35 -9.98
CA MET A 176 3.85 -14.03 -8.76
C MET A 176 5.28 -14.54 -8.91
N PHE A 177 5.61 -15.07 -10.09
CA PHE A 177 6.96 -15.56 -10.36
C PHE A 177 7.99 -14.43 -10.22
N ILE A 178 7.66 -13.27 -10.78
CA ILE A 178 8.57 -12.13 -10.70
C ILE A 178 8.82 -11.71 -9.25
N ASN A 179 7.74 -11.64 -8.45
CA ASN A 179 7.86 -11.28 -7.04
C ASN A 179 8.76 -12.31 -6.36
N VAL A 180 8.55 -13.58 -6.66
CA VAL A 180 9.36 -14.63 -6.06
C VAL A 180 10.84 -14.53 -6.44
N SER A 181 11.10 -14.23 -7.71
N SER A 181 11.10 -14.23 -7.71
CA SER A 181 12.48 -14.12 -8.20
CA SER A 181 12.47 -14.12 -8.21
C SER A 181 13.28 -13.06 -7.46
C SER A 181 13.28 -13.05 -7.45
N ILE A 182 12.60 -12.05 -6.92
CA ILE A 182 13.29 -10.99 -6.19
C ILE A 182 13.47 -11.42 -4.74
N LEU A 183 12.38 -11.85 -4.11
CA LEU A 183 12.37 -12.26 -2.71
C LEU A 183 13.29 -13.44 -2.40
N ILE A 184 13.38 -14.38 -3.34
CA ILE A 184 14.20 -15.56 -3.14
C ILE A 184 15.69 -15.24 -3.07
N ARG A 185 16.07 -14.06 -3.54
CA ARG A 185 17.47 -13.66 -3.48
C ARG A 185 17.78 -12.93 -2.17
N GLY A 186 16.75 -12.70 -1.36
CA GLY A 186 16.95 -12.05 -0.08
C GLY A 186 16.92 -10.54 -0.01
N ILE A 187 17.39 -10.00 1.10
CA ILE A 187 17.41 -8.56 1.34
C ILE A 187 18.42 -7.77 0.51
N SER A 188 19.71 -8.01 0.73
CA SER A 188 20.74 -7.25 0.00
C SER A 188 20.86 -7.58 -1.49
N LYS A 189 20.82 -8.87 -1.83
CA LYS A 189 20.95 -9.27 -3.22
C LYS A 189 19.62 -9.34 -3.98
N GLY A 190 18.52 -9.20 -3.24
CA GLY A 190 17.22 -9.26 -3.88
C GLY A 190 16.47 -7.94 -3.85
N ILE A 191 15.86 -7.65 -2.71
CA ILE A 191 15.10 -6.42 -2.56
C ILE A 191 15.90 -5.13 -2.75
N GLU A 192 17.05 -5.05 -2.09
CA GLU A 192 17.91 -3.87 -2.19
C GLU A 192 18.43 -3.67 -3.61
N ARG A 193 18.99 -4.73 -4.17
CA ARG A 193 19.52 -4.70 -5.53
C ARG A 193 18.45 -4.25 -6.51
N PHE A 194 17.25 -4.82 -6.40
CA PHE A 194 16.16 -4.45 -7.31
C PHE A 194 15.73 -3.00 -7.13
N ALA A 195 15.67 -2.53 -5.89
CA ALA A 195 15.25 -1.15 -5.63
C ALA A 195 16.19 -0.14 -6.30
N LYS A 196 17.47 -0.47 -6.34
CA LYS A 196 18.43 0.43 -6.95
C LYS A 196 18.21 0.56 -8.45
N ILE A 197 17.48 -0.37 -9.03
CA ILE A 197 17.18 -0.36 -10.45
C ILE A 197 15.79 0.19 -10.71
N ALA A 198 14.83 -0.24 -9.89
CA ALA A 198 13.43 0.15 -10.05
C ALA A 198 13.09 1.60 -9.72
N MET A 199 13.60 2.12 -8.60
CA MET A 199 13.28 3.49 -8.20
C MET A 199 13.73 4.55 -9.21
N PRO A 200 14.97 4.46 -9.71
CA PRO A 200 15.42 5.46 -10.70
C PRO A 200 14.50 5.41 -11.93
N THR A 201 14.19 4.20 -12.38
CA THR A 201 13.33 3.99 -13.55
C THR A 201 11.96 4.61 -13.28
N LEU A 202 11.41 4.29 -12.10
CA LEU A 202 10.11 4.76 -11.68
C LEU A 202 10.06 6.30 -11.69
N PHE A 203 11.05 6.93 -11.07
CA PHE A 203 11.11 8.39 -11.01
C PHE A 203 11.15 9.02 -12.41
N ILE A 204 12.03 8.50 -13.27
CA ILE A 204 12.15 9.01 -14.63
C ILE A 204 10.87 8.86 -15.44
N LEU A 205 10.26 7.69 -15.39
CA LEU A 205 9.01 7.44 -16.11
C LEU A 205 7.92 8.40 -15.61
N ALA A 206 7.84 8.57 -14.29
CA ALA A 206 6.84 9.45 -13.71
C ALA A 206 7.02 10.91 -14.12
N VAL A 207 8.25 11.40 -14.07
CA VAL A 207 8.51 12.80 -14.44
C VAL A 207 8.13 12.99 -15.91
N PHE A 208 8.53 12.05 -16.75
CA PHE A 208 8.20 12.14 -18.18
C PHE A 208 6.69 12.22 -18.41
N LEU A 209 5.94 11.38 -17.70
CA LEU A 209 4.50 11.36 -17.85
C LEU A 209 3.87 12.66 -17.40
N VAL A 210 4.38 13.24 -16.31
CA VAL A 210 3.87 14.51 -15.83
C VAL A 210 4.07 15.58 -16.91
N ILE A 211 5.27 15.62 -17.50
CA ILE A 211 5.57 16.58 -18.54
C ILE A 211 4.61 16.43 -19.72
N ARG A 212 4.38 15.20 -20.15
CA ARG A 212 3.47 14.96 -21.25
C ARG A 212 2.05 15.37 -20.92
N VAL A 213 1.61 15.10 -19.69
CA VAL A 213 0.26 15.47 -19.26
C VAL A 213 0.13 16.99 -19.20
N PHE A 214 1.18 17.67 -18.77
CA PHE A 214 1.18 19.13 -18.66
C PHE A 214 0.99 19.82 -20.01
N LEU A 215 1.20 19.07 -21.10
CA LEU A 215 1.05 19.62 -22.45
C LEU A 215 -0.36 19.45 -22.99
N LEU A 216 -1.21 18.77 -22.23
CA LEU A 216 -2.58 18.52 -22.65
C LEU A 216 -3.50 19.73 -22.56
N GLU A 217 -4.10 20.10 -23.69
CA GLU A 217 -5.09 21.17 -23.69
C GLU A 217 -6.22 20.76 -24.62
N THR A 218 -7.43 21.10 -24.22
CA THR A 218 -8.60 20.79 -25.04
C THR A 218 -9.57 21.92 -24.81
N PRO A 219 -10.66 21.95 -25.57
CA PRO A 219 -11.65 23.03 -25.40
C PRO A 219 -12.24 23.01 -24.00
N ASN A 220 -12.02 21.92 -23.27
CA ASN A 220 -12.56 21.79 -21.92
C ASN A 220 -11.64 22.24 -20.81
N GLY A 221 -10.36 22.46 -21.13
CA GLY A 221 -9.44 22.89 -20.09
C GLY A 221 -8.01 22.48 -20.34
N THR A 222 -7.16 22.74 -19.36
CA THR A 222 -5.75 22.42 -19.45
C THR A 222 -5.35 21.66 -18.19
N ALA A 223 -4.16 21.10 -18.18
CA ALA A 223 -3.67 20.37 -17.02
C ALA A 223 -3.64 21.31 -15.83
N ALA A 224 -3.38 22.59 -16.10
CA ALA A 224 -3.33 23.61 -15.05
C ALA A 224 -4.60 23.66 -14.22
N ASP A 225 -5.76 23.53 -14.87
CA ASP A 225 -7.03 23.56 -14.17
C ASP A 225 -7.09 22.40 -13.18
N GLY A 226 -6.39 21.32 -13.52
CA GLY A 226 -6.36 20.16 -12.64
C GLY A 226 -5.56 20.45 -11.40
N LEU A 227 -4.41 21.08 -11.57
CA LEU A 227 -3.55 21.42 -10.43
C LEU A 227 -4.27 22.42 -9.53
N ASN A 228 -4.99 23.37 -10.13
CA ASN A 228 -5.71 24.37 -9.33
C ASN A 228 -6.79 23.68 -8.52
N PHE A 229 -7.42 22.68 -9.11
CA PHE A 229 -8.47 21.93 -8.42
C PHE A 229 -7.90 21.19 -7.21
N LEU A 230 -6.72 20.60 -7.37
CA LEU A 230 -6.09 19.83 -6.31
C LEU A 230 -5.38 20.67 -5.24
N TRP A 231 -4.87 21.84 -5.62
CA TRP A 231 -4.14 22.68 -4.68
C TRP A 231 -4.79 23.96 -4.19
N THR A 232 -6.11 24.06 -4.30
CA THR A 232 -6.82 25.24 -3.82
C THR A 232 -7.57 24.86 -2.56
N PRO A 233 -7.20 25.46 -1.41
CA PRO A 233 -7.86 25.17 -0.14
C PRO A 233 -9.36 25.44 -0.10
N ASP A 234 -10.06 24.67 0.71
CA ASP A 234 -11.50 24.80 0.90
C ASP A 234 -11.70 24.58 2.41
N PHE A 235 -11.44 25.62 3.18
CA PHE A 235 -11.55 25.57 4.63
C PHE A 235 -12.92 25.23 5.17
N GLU A 236 -13.86 24.92 4.27
CA GLU A 236 -15.21 24.62 4.71
C GLU A 236 -15.54 23.13 4.76
N LYS A 237 -14.53 22.29 4.56
CA LYS A 237 -14.73 20.85 4.59
C LYS A 237 -13.93 20.31 5.77
N LEU A 238 -13.01 21.13 6.26
CA LEU A 238 -12.16 20.78 7.40
C LEU A 238 -13.00 20.24 8.55
N LYS A 239 -14.30 20.50 8.50
CA LYS A 239 -15.22 20.05 9.54
C LYS A 239 -15.94 18.73 9.24
N ASP A 240 -15.56 18.06 8.16
CA ASP A 240 -16.19 16.80 7.79
C ASP A 240 -15.36 15.59 8.20
N PRO A 241 -15.91 14.72 9.06
CA PRO A 241 -15.18 13.52 9.51
C PRO A 241 -14.77 12.64 8.34
N GLY A 242 -15.67 12.50 7.38
CA GLY A 242 -15.41 11.68 6.21
C GLY A 242 -14.10 12.03 5.52
N VAL A 243 -13.85 13.32 5.32
CA VAL A 243 -12.62 13.75 4.66
C VAL A 243 -11.41 13.41 5.53
N TRP A 244 -11.57 13.51 6.85
CA TRP A 244 -10.49 13.20 7.77
C TRP A 244 -10.20 11.70 7.77
N ILE A 245 -11.26 10.91 7.75
CA ILE A 245 -11.12 9.46 7.73
C ILE A 245 -10.42 9.07 6.43
N ALA A 246 -10.81 9.71 5.32
CA ALA A 246 -10.20 9.44 4.03
C ALA A 246 -8.73 9.81 4.05
N ALA A 247 -8.45 11.02 4.53
CA ALA A 247 -7.08 11.54 4.61
C ALA A 247 -6.16 10.66 5.45
N VAL A 248 -6.58 10.30 6.66
CA VAL A 248 -5.77 9.46 7.53
C VAL A 248 -5.58 8.07 6.91
N GLY A 249 -6.66 7.52 6.36
CA GLY A 249 -6.57 6.21 5.74
C GLY A 249 -5.52 6.22 4.63
N GLN A 250 -5.54 7.27 3.81
CA GLN A 250 -4.57 7.38 2.71
C GLN A 250 -3.14 7.47 3.22
N ILE A 251 -2.93 8.27 4.27
CA ILE A 251 -1.60 8.44 4.86
C ILE A 251 -1.04 7.08 5.30
N PHE A 252 -1.86 6.27 5.96
CA PHE A 252 -1.43 4.96 6.40
C PHE A 252 -1.07 4.09 5.19
N PHE A 253 -2.01 3.99 4.25
CA PHE A 253 -1.82 3.16 3.09
C PHE A 253 -0.58 3.57 2.31
N THR A 254 -0.49 4.86 1.97
CA THR A 254 0.64 5.32 1.16
C THR A 254 2.01 5.19 1.83
N LEU A 255 2.07 5.32 3.15
CA LEU A 255 3.36 5.20 3.84
C LEU A 255 3.66 3.77 4.29
N SER A 256 2.76 2.85 3.97
CA SER A 256 2.90 1.44 4.35
C SER A 256 2.91 1.28 5.87
N LEU A 257 2.20 2.16 6.57
CA LEU A 257 2.14 2.10 8.03
C LEU A 257 0.97 1.23 8.52
N GLY A 258 1.22 0.45 9.57
CA GLY A 258 0.20 -0.43 10.11
C GLY A 258 0.10 -1.74 9.36
N PHE A 259 1.06 -1.99 8.45
CA PHE A 259 1.09 -3.21 7.64
C PHE A 259 2.19 -4.16 8.13
N GLY A 260 2.96 -3.74 9.12
CA GLY A 260 4.05 -4.58 9.61
C GLY A 260 5.19 -4.68 8.61
N ALA A 261 5.08 -3.95 7.50
CA ALA A 261 6.06 -3.98 6.43
C ALA A 261 7.28 -3.10 6.71
N ILE A 262 7.04 -1.90 7.23
CA ILE A 262 8.13 -1.00 7.56
C ILE A 262 8.94 -1.63 8.69
N ILE A 263 8.23 -2.21 9.66
CA ILE A 263 8.87 -2.86 10.79
C ILE A 263 9.78 -3.99 10.32
N THR A 264 9.29 -4.87 9.44
CA THR A 264 10.12 -5.97 8.97
C THR A 264 11.36 -5.49 8.20
N TYR A 265 11.19 -4.50 7.31
CA TYR A 265 12.34 -3.99 6.56
C TYR A 265 13.39 -3.40 7.52
N ALA A 266 12.91 -2.68 8.52
CA ALA A 266 13.79 -2.05 9.50
C ALA A 266 14.53 -3.06 10.36
N SER A 267 14.00 -4.29 10.45
CA SER A 267 14.63 -5.33 11.27
C SER A 267 15.94 -5.79 10.65
N TYR A 268 16.24 -5.30 9.45
CA TYR A 268 17.47 -5.66 8.76
C TYR A 268 18.48 -4.52 8.81
N VAL A 269 18.10 -3.44 9.47
CA VAL A 269 18.97 -2.29 9.64
C VAL A 269 19.89 -2.64 10.81
N ARG A 270 21.18 -2.40 10.65
CA ARG A 270 22.10 -2.70 11.75
C ARG A 270 21.70 -1.96 13.02
N LYS A 271 21.91 -2.61 14.16
CA LYS A 271 21.55 -2.05 15.46
C LYS A 271 22.05 -0.65 15.75
N ASP A 272 23.22 -0.30 15.21
CA ASP A 272 23.82 1.02 15.44
C ASP A 272 23.30 2.11 14.50
N GLN A 273 22.89 1.68 13.31
CA GLN A 273 22.40 2.58 12.27
C GLN A 273 21.28 3.55 12.59
N ASP A 274 21.37 4.73 11.98
CA ASP A 274 20.38 5.78 12.15
C ASP A 274 19.06 5.36 11.51
N ILE A 275 17.95 5.76 12.12
CA ILE A 275 16.64 5.46 11.58
C ILE A 275 15.84 6.76 11.56
N VAL A 276 16.35 7.78 12.25
CA VAL A 276 15.65 9.05 12.30
C VAL A 276 15.68 9.76 10.94
N LEU A 277 16.86 9.97 10.40
CA LEU A 277 16.99 10.65 9.11
C LEU A 277 16.53 9.74 7.97
N SER A 278 16.88 8.47 8.08
CA SER A 278 16.49 7.48 7.08
C SER A 278 14.98 7.38 6.97
N GLY A 279 14.30 7.25 8.12
CA GLY A 279 12.85 7.14 8.14
C GLY A 279 12.18 8.39 7.58
N LEU A 280 12.68 9.56 7.98
CA LEU A 280 12.12 10.81 7.49
C LEU A 280 12.32 10.98 5.97
N THR A 281 13.47 10.52 5.47
CA THR A 281 13.77 10.65 4.05
C THR A 281 12.85 9.76 3.22
N ALA A 282 12.65 8.52 3.69
CA ALA A 282 11.79 7.59 2.98
C ALA A 282 10.38 8.18 2.95
N ALA A 283 9.95 8.73 4.07
CA ALA A 283 8.62 9.31 4.17
C ALA A 283 8.48 10.53 3.25
N THR A 284 9.48 11.40 3.23
CA THR A 284 9.40 12.59 2.39
C THR A 284 9.47 12.22 0.92
N LEU A 285 10.27 11.21 0.60
CA LEU A 285 10.37 10.75 -0.78
C LEU A 285 8.99 10.26 -1.25
N ASN A 286 8.30 9.50 -0.41
CA ASN A 286 6.98 9.01 -0.77
C ASN A 286 5.99 10.14 -1.01
N GLU A 287 6.02 11.13 -0.13
CA GLU A 287 5.11 12.25 -0.25
C GLU A 287 5.33 13.08 -1.51
N LYS A 288 6.58 13.22 -1.92
CA LYS A 288 6.86 13.96 -3.14
C LYS A 288 6.32 13.17 -4.33
N ALA A 289 6.54 11.87 -4.31
CA ALA A 289 6.08 10.99 -5.39
C ALA A 289 4.56 10.98 -5.44
N GLU A 290 3.93 11.08 -4.28
CA GLU A 290 2.47 11.08 -4.20
C GLU A 290 1.82 12.39 -4.64
N VAL A 291 2.13 13.49 -3.95
CA VAL A 291 1.50 14.77 -4.27
C VAL A 291 2.01 15.46 -5.50
N ILE A 292 3.30 15.31 -5.81
CA ILE A 292 3.86 15.97 -6.97
C ILE A 292 3.75 15.12 -8.24
N LEU A 293 4.09 13.84 -8.16
CA LEU A 293 4.04 12.98 -9.33
C LEU A 293 2.65 12.33 -9.53
N GLY A 294 2.17 11.62 -8.52
CA GLY A 294 0.88 10.97 -8.63
C GLY A 294 -0.26 11.97 -8.76
N GLY A 295 -0.15 13.09 -8.06
CA GLY A 295 -1.18 14.10 -8.11
C GLY A 295 -1.20 14.89 -9.42
N SER A 296 -0.06 14.93 -10.11
CA SER A 296 0.02 15.69 -11.36
C SER A 296 -0.24 14.91 -12.64
N ILE A 297 -0.52 13.62 -12.55
CA ILE A 297 -0.77 12.83 -13.75
C ILE A 297 -2.24 12.62 -14.12
N SER A 298 -2.92 11.71 -13.43
CA SER A 298 -4.31 11.42 -13.77
C SER A 298 -5.35 12.54 -13.56
N ILE A 299 -5.26 13.31 -12.47
CA ILE A 299 -6.23 14.38 -12.24
C ILE A 299 -6.12 15.48 -13.32
N PRO A 300 -4.93 16.06 -13.51
CA PRO A 300 -4.80 17.10 -14.53
C PRO A 300 -5.24 16.61 -15.90
N ALA A 301 -4.89 15.37 -16.23
CA ALA A 301 -5.26 14.81 -17.53
C ALA A 301 -6.78 14.72 -17.69
N ALA A 302 -7.44 14.16 -16.68
CA ALA A 302 -8.89 14.00 -16.72
C ALA A 302 -9.61 15.36 -16.76
N VAL A 303 -9.14 16.29 -15.94
CA VAL A 303 -9.74 17.61 -15.89
C VAL A 303 -9.53 18.34 -17.23
N ALA A 304 -8.32 18.25 -17.78
CA ALA A 304 -8.03 18.92 -19.04
C ALA A 304 -9.00 18.48 -20.14
N PHE A 305 -9.25 17.17 -20.21
CA PHE A 305 -10.14 16.65 -21.24
C PHE A 305 -11.64 16.70 -20.95
N PHE A 306 -12.02 16.63 -19.68
CA PHE A 306 -13.44 16.63 -19.33
C PHE A 306 -13.93 17.72 -18.38
N GLY A 307 -13.01 18.49 -17.81
CA GLY A 307 -13.40 19.52 -16.88
C GLY A 307 -13.45 18.90 -15.48
N VAL A 308 -13.43 19.74 -14.47
CA VAL A 308 -13.45 19.27 -13.09
C VAL A 308 -14.69 18.44 -12.70
N ALA A 309 -15.87 19.00 -12.92
CA ALA A 309 -17.11 18.31 -12.56
C ALA A 309 -17.19 16.89 -13.11
N ASN A 310 -16.81 16.70 -14.37
CA ASN A 310 -16.84 15.38 -14.98
C ASN A 310 -15.72 14.48 -14.45
N ALA A 311 -14.54 15.06 -14.26
CA ALA A 311 -13.40 14.31 -13.75
C ALA A 311 -13.79 13.73 -12.39
N VAL A 312 -14.35 14.56 -11.52
CA VAL A 312 -14.78 14.12 -10.20
C VAL A 312 -15.82 13.00 -10.29
N ALA A 313 -16.82 13.18 -11.14
CA ALA A 313 -17.86 12.17 -11.32
C ALA A 313 -17.23 10.84 -11.74
N ILE A 314 -16.20 10.91 -12.58
CA ILE A 314 -15.50 9.72 -13.06
C ILE A 314 -14.88 8.94 -11.91
N ALA A 315 -14.16 9.63 -11.03
CA ALA A 315 -13.51 9.00 -9.89
C ALA A 315 -14.51 8.38 -8.91
N LYS A 316 -15.63 9.07 -8.67
CA LYS A 316 -16.64 8.57 -7.75
C LYS A 316 -17.41 7.36 -8.27
N ALA A 317 -17.51 7.23 -9.60
CA ALA A 317 -18.26 6.13 -10.20
C ALA A 317 -17.56 4.79 -10.10
N GLY A 318 -16.23 4.80 -10.10
CA GLY A 318 -15.48 3.57 -10.01
C GLY A 318 -14.01 3.85 -9.71
N ALA A 319 -13.51 3.22 -8.66
CA ALA A 319 -12.11 3.43 -8.22
C ALA A 319 -11.00 3.19 -9.23
N PHE A 320 -11.17 2.25 -10.14
CA PHE A 320 -10.13 1.98 -11.12
C PHE A 320 -10.35 2.70 -12.43
N ASN A 321 -11.45 3.44 -12.53
CA ASN A 321 -11.78 4.18 -13.76
C ASN A 321 -10.69 5.11 -14.25
N LEU A 322 -10.19 5.96 -13.37
CA LEU A 322 -9.19 6.96 -13.73
C LEU A 322 -7.88 6.39 -14.27
N GLY A 323 -7.34 5.42 -13.55
CA GLY A 323 -6.07 4.83 -13.91
C GLY A 323 -6.09 3.80 -15.03
N PHE A 324 -7.14 2.99 -15.07
CA PHE A 324 -7.23 1.93 -16.06
C PHE A 324 -8.11 2.19 -17.26
N ILE A 325 -8.96 3.19 -17.18
CA ILE A 325 -9.86 3.50 -18.27
C ILE A 325 -9.67 4.88 -18.85
N THR A 326 -9.81 5.89 -17.99
CA THR A 326 -9.74 7.28 -18.41
C THR A 326 -8.39 7.74 -18.94
N LEU A 327 -7.32 7.52 -18.18
CA LEU A 327 -6.01 7.98 -18.66
C LEU A 327 -5.64 7.33 -20.00
N PRO A 328 -5.79 6.00 -20.12
CA PRO A 328 -5.45 5.39 -21.42
C PRO A 328 -6.34 5.90 -22.56
N ALA A 329 -7.60 6.17 -22.26
CA ALA A 329 -8.55 6.68 -23.25
C ALA A 329 -8.09 8.06 -23.73
N ILE A 330 -7.71 8.90 -22.77
CA ILE A 330 -7.24 10.24 -23.08
C ILE A 330 -5.97 10.15 -23.92
N PHE A 331 -5.01 9.34 -23.49
CA PHE A 331 -3.75 9.18 -24.22
C PHE A 331 -3.98 8.73 -25.65
N SER A 332 -4.99 7.87 -25.85
CA SER A 332 -5.28 7.36 -27.18
C SER A 332 -5.65 8.46 -28.17
N GLN A 333 -5.99 9.63 -27.64
CA GLN A 333 -6.38 10.76 -28.48
C GLN A 333 -5.18 11.59 -28.91
N THR A 334 -3.98 11.16 -28.54
CA THR A 334 -2.76 11.88 -28.89
C THR A 334 -1.80 10.97 -29.64
N ALA A 335 -0.88 11.59 -30.38
CA ALA A 335 0.11 10.85 -31.16
C ALA A 335 1.03 10.07 -30.24
N GLY A 336 1.20 8.78 -30.52
CA GLY A 336 2.06 7.93 -29.71
C GLY A 336 1.38 7.59 -28.39
N GLY A 337 0.08 7.84 -28.32
CA GLY A 337 -0.68 7.59 -27.11
C GLY A 337 -0.67 6.17 -26.57
N THR A 338 -0.61 5.20 -27.49
CA THR A 338 -0.59 3.80 -27.08
C THR A 338 0.72 3.54 -26.36
N PHE A 339 1.81 4.14 -26.83
CA PHE A 339 3.10 3.97 -26.16
C PHE A 339 3.10 4.69 -24.80
N LEU A 340 2.45 5.85 -24.72
CA LEU A 340 2.36 6.57 -23.44
C LEU A 340 1.58 5.69 -22.46
N GLY A 341 0.59 4.98 -22.98
CA GLY A 341 -0.21 4.08 -22.17
C GLY A 341 0.69 2.98 -21.62
N PHE A 342 1.56 2.46 -22.48
CA PHE A 342 2.52 1.44 -22.07
C PHE A 342 3.42 1.95 -20.94
N LEU A 343 3.94 3.17 -21.10
CA LEU A 343 4.81 3.75 -20.07
C LEU A 343 4.09 3.91 -18.73
N TRP A 344 2.82 4.31 -18.79
CA TRP A 344 1.99 4.50 -17.61
C TRP A 344 1.83 3.17 -16.84
N PHE A 345 1.44 2.12 -17.55
CA PHE A 345 1.27 0.81 -16.92
C PHE A 345 2.61 0.17 -16.52
N PHE A 346 3.67 0.51 -17.24
CA PHE A 346 4.98 -0.01 -16.89
C PHE A 346 5.36 0.65 -15.55
N LEU A 347 5.08 1.95 -15.44
CA LEU A 347 5.35 2.71 -14.21
C LEU A 347 4.56 2.08 -13.05
N LEU A 348 3.27 1.88 -13.27
CA LEU A 348 2.43 1.28 -12.23
C LEU A 348 2.96 -0.10 -11.83
N PHE A 349 3.41 -0.88 -12.81
CA PHE A 349 3.92 -2.20 -12.49
C PHE A 349 5.14 -2.14 -11.58
N PHE A 350 6.11 -1.29 -11.89
CA PHE A 350 7.30 -1.17 -11.05
C PHE A 350 6.94 -0.59 -9.68
N ALA A 351 5.99 0.34 -9.65
CA ALA A 351 5.57 0.94 -8.40
C ALA A 351 4.93 -0.16 -7.53
N GLY A 352 4.13 -0.98 -8.19
CA GLY A 352 3.46 -2.06 -7.47
C GLY A 352 4.42 -3.15 -7.03
N LEU A 353 5.30 -3.59 -7.93
CA LEU A 353 6.25 -4.66 -7.63
C LEU A 353 7.14 -4.33 -6.41
N THR A 354 7.65 -3.11 -6.34
CA THR A 354 8.51 -2.73 -5.23
C THR A 354 7.76 -2.69 -3.90
N SER A 355 6.44 -2.60 -3.97
CA SER A 355 5.60 -2.55 -2.77
C SER A 355 5.10 -3.94 -2.40
N SER A 356 4.75 -4.76 -3.38
CA SER A 356 4.25 -6.10 -3.09
C SER A 356 5.32 -6.98 -2.45
N ILE A 357 6.58 -6.83 -2.86
CA ILE A 357 7.63 -7.64 -2.24
C ILE A 357 7.74 -7.21 -0.77
N ALA A 358 7.40 -5.96 -0.47
CA ALA A 358 7.46 -5.45 0.90
C ALA A 358 6.34 -6.04 1.80
N ILE A 359 5.19 -6.37 1.22
CA ILE A 359 4.13 -6.92 2.06
C ILE A 359 4.11 -8.44 2.11
N MET A 360 5.06 -9.07 1.41
CA MET A 360 5.17 -10.52 1.47
C MET A 360 6.35 -10.87 2.38
N GLN A 361 7.31 -9.95 2.50
CA GLN A 361 8.48 -10.19 3.34
C GLN A 361 8.16 -10.45 4.82
N PRO A 362 7.08 -9.85 5.36
CA PRO A 362 6.77 -10.11 6.77
C PRO A 362 6.52 -11.59 7.03
N MET A 363 5.71 -12.22 6.17
CA MET A 363 5.41 -13.64 6.32
C MET A 363 6.70 -14.46 6.13
N ILE A 364 7.54 -14.05 5.18
CA ILE A 364 8.80 -14.73 4.94
C ILE A 364 9.69 -14.62 6.19
N ALA A 365 9.78 -13.41 6.74
CA ALA A 365 10.60 -13.17 7.93
C ALA A 365 10.12 -13.99 9.12
N PHE A 366 8.81 -14.11 9.25
CA PHE A 366 8.26 -14.88 10.36
C PHE A 366 8.64 -16.35 10.23
N LEU A 367 8.49 -16.91 9.02
CA LEU A 367 8.79 -18.30 8.76
C LEU A 367 10.27 -18.60 8.94
N GLU A 368 11.13 -17.65 8.56
CA GLU A 368 12.58 -17.81 8.72
C GLU A 368 12.98 -17.63 10.18
N ASP A 369 12.60 -16.49 10.75
CA ASP A 369 12.93 -16.16 12.13
C ASP A 369 12.34 -17.05 13.22
N GLU A 370 11.04 -17.32 13.13
CA GLU A 370 10.38 -18.12 14.16
C GLU A 370 10.20 -19.62 13.91
N LEU A 371 10.00 -20.02 12.67
CA LEU A 371 9.83 -21.45 12.39
C LEU A 371 11.08 -22.05 11.77
N LYS A 372 12.11 -21.20 11.62
CA LYS A 372 13.40 -21.62 11.09
C LYS A 372 13.44 -22.22 9.69
N LEU A 373 12.51 -21.83 8.83
CA LEU A 373 12.54 -22.36 7.47
C LEU A 373 13.66 -21.68 6.69
N SER A 374 14.15 -22.31 5.64
CA SER A 374 15.17 -21.71 4.82
C SER A 374 14.47 -20.57 4.04
N ARG A 375 15.25 -19.65 3.49
CA ARG A 375 14.64 -18.55 2.76
C ARG A 375 13.86 -19.09 1.56
N LYS A 376 14.44 -20.05 0.86
CA LYS A 376 13.80 -20.65 -0.29
C LYS A 376 12.42 -21.21 0.06
N HIS A 377 12.35 -21.98 1.15
CA HIS A 377 11.10 -22.57 1.58
C HIS A 377 10.11 -21.53 2.10
N ALA A 378 10.63 -20.54 2.80
CA ALA A 378 9.79 -19.47 3.36
C ALA A 378 9.16 -18.66 2.24
N VAL A 379 9.94 -18.36 1.19
CA VAL A 379 9.43 -17.59 0.07
C VAL A 379 8.42 -18.39 -0.73
N LEU A 380 8.72 -19.65 -1.00
CA LEU A 380 7.83 -20.50 -1.79
C LEU A 380 6.48 -20.77 -1.12
N TRP A 381 6.49 -21.01 0.18
CA TRP A 381 5.24 -21.26 0.90
C TRP A 381 4.41 -19.98 0.97
N THR A 382 5.09 -18.84 1.17
CA THR A 382 4.38 -17.57 1.22
C THR A 382 3.73 -17.30 -0.12
N ALA A 383 4.48 -17.55 -1.21
CA ALA A 383 3.96 -17.35 -2.54
C ALA A 383 2.76 -18.25 -2.81
N ALA A 384 2.82 -19.48 -2.29
CA ALA A 384 1.75 -20.45 -2.47
C ALA A 384 0.47 -20.02 -1.75
N ILE A 385 0.63 -19.47 -0.55
CA ILE A 385 -0.52 -19.02 0.22
C ILE A 385 -1.19 -17.81 -0.44
N VAL A 386 -0.37 -16.89 -0.94
CA VAL A 386 -0.90 -15.72 -1.61
C VAL A 386 -1.54 -16.12 -2.96
N PHE A 387 -0.85 -16.97 -3.73
CA PHE A 387 -1.40 -17.41 -5.03
C PHE A 387 -2.75 -18.11 -4.84
N PHE A 388 -2.78 -19.10 -3.97
CA PHE A 388 -4.02 -19.82 -3.72
C PHE A 388 -5.14 -18.86 -3.26
N SER A 389 -4.88 -18.10 -2.21
CA SER A 389 -5.87 -17.17 -1.65
C SER A 389 -6.40 -16.14 -2.65
N ALA A 390 -5.55 -15.74 -3.59
CA ALA A 390 -5.90 -14.74 -4.58
C ALA A 390 -7.05 -15.19 -5.48
N HIS A 391 -7.28 -16.49 -5.57
CA HIS A 391 -8.37 -16.97 -6.40
C HIS A 391 -9.72 -16.43 -5.90
N LEU A 392 -9.79 -16.11 -4.61
CA LEU A 392 -11.02 -15.56 -4.05
C LEU A 392 -11.25 -14.14 -4.63
N VAL A 393 -10.17 -13.37 -4.71
CA VAL A 393 -10.22 -12.01 -5.26
C VAL A 393 -10.46 -12.00 -6.78
N MET A 394 -9.91 -13.00 -7.47
CA MET A 394 -10.04 -13.10 -8.92
C MET A 394 -11.42 -13.55 -9.41
N PHE A 395 -12.13 -14.33 -8.60
CA PHE A 395 -13.42 -14.88 -9.01
C PHE A 395 -14.68 -14.40 -8.31
N LEU A 396 -14.56 -13.87 -7.09
CA LEU A 396 -15.72 -13.38 -6.36
C LEU A 396 -15.78 -11.86 -6.38
N ASN A 397 -16.81 -11.33 -7.04
CA ASN A 397 -16.98 -9.88 -7.14
C ASN A 397 -17.07 -9.23 -5.75
N LYS A 398 -16.33 -8.15 -5.57
CA LYS A 398 -16.29 -7.39 -4.32
C LYS A 398 -15.48 -8.00 -3.18
N SER A 399 -14.81 -9.13 -3.43
CA SER A 399 -13.98 -9.73 -2.42
C SER A 399 -12.81 -8.78 -2.17
N LEU A 400 -12.27 -8.24 -3.27
CA LEU A 400 -11.16 -7.31 -3.19
C LEU A 400 -11.52 -6.13 -2.29
N ASP A 401 -12.70 -5.56 -2.49
CA ASP A 401 -13.11 -4.42 -1.66
C ASP A 401 -13.21 -4.80 -0.19
N GLU A 402 -13.73 -5.99 0.08
CA GLU A 402 -13.88 -6.45 1.45
C GLU A 402 -12.51 -6.56 2.15
N MET A 403 -11.55 -7.20 1.48
CA MET A 403 -10.20 -7.34 2.04
C MET A 403 -9.53 -5.99 2.20
N ASP A 404 -9.67 -5.13 1.18
CA ASP A 404 -9.05 -3.81 1.24
C ASP A 404 -9.62 -3.00 2.41
N PHE A 405 -10.87 -3.26 2.77
CA PHE A 405 -11.46 -2.54 3.89
C PHE A 405 -10.99 -3.03 5.26
N TRP A 406 -11.19 -4.31 5.53
CA TRP A 406 -10.81 -4.88 6.83
C TRP A 406 -9.33 -4.86 7.14
N ALA A 407 -8.49 -5.18 6.17
CA ALA A 407 -7.05 -5.19 6.41
C ALA A 407 -6.38 -3.89 5.99
N GLY A 408 -6.64 -3.48 4.75
CA GLY A 408 -6.01 -2.28 4.22
C GLY A 408 -6.53 -0.92 4.64
N THR A 409 -7.68 -0.87 5.30
CA THR A 409 -8.23 0.42 5.71
C THR A 409 -8.40 0.51 7.22
N ILE A 410 -9.40 -0.18 7.77
CA ILE A 410 -9.64 -0.12 9.20
C ILE A 410 -8.52 -0.86 9.94
N GLY A 411 -8.12 -2.02 9.42
CA GLY A 411 -7.08 -2.79 10.06
C GLY A 411 -5.78 -2.04 10.33
N VAL A 412 -5.24 -1.36 9.32
CA VAL A 412 -3.99 -0.62 9.50
C VAL A 412 -4.10 0.51 10.52
N VAL A 413 -5.26 1.18 10.58
CA VAL A 413 -5.44 2.26 11.53
C VAL A 413 -5.45 1.69 12.95
N PHE A 414 -6.17 0.58 13.11
CA PHE A 414 -6.26 -0.10 14.40
C PHE A 414 -4.87 -0.59 14.81
N PHE A 415 -4.14 -1.19 13.86
CA PHE A 415 -2.80 -1.70 14.18
C PHE A 415 -1.81 -0.58 14.50
N GLY A 416 -1.97 0.55 13.82
CA GLY A 416 -1.10 1.69 14.06
C GLY A 416 -1.28 2.18 15.49
N LEU A 417 -2.53 2.26 15.94
CA LEU A 417 -2.84 2.70 17.29
C LEU A 417 -2.30 1.68 18.29
N THR A 418 -2.48 0.41 17.96
CA THR A 418 -2.00 -0.70 18.79
C THR A 418 -0.50 -0.66 19.00
N GLU A 419 0.27 -0.57 17.91
CA GLU A 419 1.72 -0.57 18.03
C GLU A 419 2.23 0.65 18.79
N LEU A 420 1.55 1.79 18.62
CA LEU A 420 1.95 3.00 19.32
C LEU A 420 1.75 2.80 20.82
N ILE A 421 0.60 2.25 21.21
CA ILE A 421 0.31 2.01 22.62
C ILE A 421 1.30 1.03 23.24
N ILE A 422 1.59 -0.06 22.54
CA ILE A 422 2.51 -1.05 23.03
C ILE A 422 3.94 -0.52 23.18
N PHE A 423 4.37 0.30 22.23
CA PHE A 423 5.72 0.84 22.24
C PHE A 423 5.91 2.10 23.10
N PHE A 424 4.99 3.05 22.98
CA PHE A 424 5.10 4.30 23.72
C PHE A 424 4.41 4.36 25.07
N TRP A 425 3.48 3.45 25.32
CA TRP A 425 2.77 3.47 26.59
C TRP A 425 3.17 2.29 27.48
N ILE A 426 3.04 1.08 26.96
CA ILE A 426 3.39 -0.10 27.74
C ILE A 426 4.90 -0.28 27.91
N PHE A 427 5.62 -0.36 26.80
CA PHE A 427 7.07 -0.50 26.83
C PHE A 427 7.68 0.65 27.62
N GLY A 428 7.14 1.85 27.43
CA GLY A 428 7.64 3.01 28.12
C GLY A 428 8.01 4.14 27.17
N ALA A 429 7.31 5.27 27.31
CA ALA A 429 7.54 6.43 26.47
C ALA A 429 9.00 6.89 26.45
N ASP A 430 9.65 6.87 27.60
CA ASP A 430 11.04 7.31 27.65
C ASP A 430 12.00 6.26 27.09
N LYS A 431 11.66 4.99 27.26
CA LYS A 431 12.48 3.90 26.72
C LYS A 431 12.33 3.94 25.19
N ALA A 432 11.11 4.20 24.74
CA ALA A 432 10.80 4.27 23.31
C ALA A 432 11.52 5.44 22.65
N TRP A 433 11.37 6.62 23.25
CA TRP A 433 12.00 7.83 22.73
C TRP A 433 13.50 7.63 22.62
N GLU A 434 14.08 6.98 23.62
CA GLU A 434 15.50 6.69 23.63
C GLU A 434 15.87 5.74 22.48
N GLU A 435 15.06 4.70 22.29
CA GLU A 435 15.31 3.72 21.24
C GLU A 435 15.23 4.33 19.84
N ILE A 436 14.29 5.26 19.66
CA ILE A 436 14.14 5.91 18.36
C ILE A 436 15.35 6.79 18.03
N ASN A 437 15.77 7.58 18.99
CA ASN A 437 16.89 8.51 18.77
C ASN A 437 18.29 7.92 18.79
N ARG A 438 18.45 6.73 19.39
CA ARG A 438 19.75 6.09 19.45
C ARG A 438 20.38 5.91 18.07
N GLY A 439 21.58 6.47 17.89
CA GLY A 439 22.28 6.34 16.63
C GLY A 439 21.81 7.28 15.53
N GLY A 440 20.83 8.12 15.84
CA GLY A 440 20.32 9.03 14.84
C GLY A 440 21.33 10.05 14.31
N ILE A 441 21.33 10.25 13.00
CA ILE A 441 22.23 11.23 12.40
C ILE A 441 21.68 12.58 12.85
N ILE A 442 20.37 12.60 13.11
CA ILE A 442 19.67 13.79 13.60
C ILE A 442 18.73 13.30 14.71
N LYS A 443 18.35 14.19 15.63
CA LYS A 443 17.45 13.81 16.71
C LYS A 443 16.02 14.16 16.30
N VAL A 444 15.06 13.46 16.85
CA VAL A 444 13.67 13.76 16.53
C VAL A 444 13.28 15.05 17.24
N PRO A 445 12.63 15.98 16.53
CA PRO A 445 12.22 17.23 17.17
C PRO A 445 11.48 16.93 18.46
N ARG A 446 11.89 17.59 19.53
CA ARG A 446 11.31 17.40 20.84
C ARG A 446 9.79 17.45 20.96
N ILE A 447 9.15 18.37 20.25
CA ILE A 447 7.70 18.48 20.30
C ILE A 447 7.03 17.14 19.96
N TYR A 448 7.69 16.35 19.10
CA TYR A 448 7.17 15.05 18.68
C TYR A 448 7.03 14.01 19.80
N TYR A 449 7.72 14.21 20.91
CA TYR A 449 7.62 13.29 22.03
C TYR A 449 6.20 13.38 22.58
N TYR A 450 5.69 14.61 22.63
CA TYR A 450 4.34 14.87 23.11
C TYR A 450 3.30 14.45 22.09
N VAL A 451 3.65 14.56 20.81
CA VAL A 451 2.73 14.16 19.75
C VAL A 451 2.54 12.64 19.82
N MET A 452 3.65 11.92 19.86
CA MET A 452 3.61 10.47 19.92
C MET A 452 2.92 9.92 21.16
N ARG A 453 3.17 10.52 22.31
CA ARG A 453 2.59 10.04 23.54
C ARG A 453 1.11 10.42 23.77
N TYR A 454 0.71 11.60 23.31
CA TYR A 454 -0.68 12.04 23.55
C TYR A 454 -1.55 12.34 22.33
N ILE A 455 -1.01 13.14 21.41
CA ILE A 455 -1.74 13.54 20.21
C ILE A 455 -2.10 12.41 19.25
N THR A 456 -1.07 11.75 18.71
CA THR A 456 -1.30 10.67 17.76
C THR A 456 -2.32 9.63 18.25
N PRO A 457 -2.12 9.05 19.44
CA PRO A 457 -3.08 8.05 19.92
C PRO A 457 -4.50 8.59 20.14
N ALA A 458 -4.60 9.84 20.58
CA ALA A 458 -5.91 10.45 20.80
C ALA A 458 -6.59 10.72 19.46
N PHE A 459 -5.79 11.15 18.49
CA PHE A 459 -6.26 11.43 17.14
C PHE A 459 -6.86 10.16 16.54
N LEU A 460 -6.08 9.08 16.56
CA LEU A 460 -6.51 7.79 16.02
C LEU A 460 -7.69 7.19 16.77
N ALA A 461 -7.68 7.30 18.11
CA ALA A 461 -8.76 6.75 18.91
C ALA A 461 -10.09 7.38 18.53
N VAL A 462 -10.10 8.70 18.36
CA VAL A 462 -11.32 9.40 17.99
C VAL A 462 -11.78 8.94 16.61
N LEU A 463 -10.84 8.89 15.67
CA LEU A 463 -11.12 8.47 14.30
C LEU A 463 -11.80 7.11 14.29
N LEU A 464 -11.17 6.13 14.94
CA LEU A 464 -11.71 4.77 15.01
C LEU A 464 -13.11 4.70 15.59
N VAL A 465 -13.40 5.54 16.58
CA VAL A 465 -14.73 5.53 17.20
C VAL A 465 -15.78 6.07 16.23
N VAL A 466 -15.41 7.08 15.44
CA VAL A 466 -16.33 7.65 14.48
C VAL A 466 -16.58 6.66 13.35
N TRP A 467 -15.54 5.90 13.01
CA TRP A 467 -15.60 4.90 11.95
C TRP A 467 -16.56 3.77 12.31
N ALA A 468 -16.36 3.21 13.50
CA ALA A 468 -17.19 2.11 13.98
C ALA A 468 -18.63 2.51 14.27
N ARG A 469 -18.86 3.80 14.52
CA ARG A 469 -20.21 4.26 14.84
C ARG A 469 -21.06 4.81 13.70
N GLU A 470 -20.46 5.54 12.76
CA GLU A 470 -21.23 6.08 11.65
C GLU A 470 -20.89 5.57 10.26
N TYR A 471 -20.17 4.45 10.18
CA TYR A 471 -19.80 3.93 8.88
C TYR A 471 -19.76 2.40 8.81
N ILE A 472 -19.13 1.78 9.80
CA ILE A 472 -19.02 0.33 9.83
C ILE A 472 -20.36 -0.42 9.91
N PRO A 473 -21.43 0.25 10.39
CA PRO A 473 -22.73 -0.45 10.45
C PRO A 473 -23.34 -0.66 9.07
N LYS A 474 -23.14 0.30 8.18
CA LYS A 474 -23.66 0.23 6.82
C LYS A 474 -22.98 -0.88 6.03
N ILE A 475 -21.69 -1.07 6.30
CA ILE A 475 -20.91 -2.11 5.63
C ILE A 475 -21.32 -3.49 6.16
N MET A 476 -21.80 -3.52 7.40
CA MET A 476 -22.22 -4.76 8.04
C MET A 476 -23.69 -5.09 7.74
N GLU A 477 -24.46 -4.07 7.37
CA GLU A 477 -25.88 -4.26 7.07
C GLU A 477 -26.32 -4.07 5.62
N GLU A 478 -25.57 -3.29 4.84
CA GLU A 478 -25.97 -3.03 3.46
C GLU A 478 -25.17 -3.71 2.34
N THR A 479 -24.38 -4.74 2.65
CA THR A 479 -23.61 -5.42 1.60
C THR A 479 -24.26 -6.73 1.16
N HIS A 480 -23.88 -7.21 -0.02
CA HIS A 480 -24.40 -8.47 -0.56
C HIS A 480 -23.95 -9.59 0.39
N TRP A 481 -24.73 -10.67 0.46
CA TRP A 481 -24.40 -11.77 1.34
C TRP A 481 -23.02 -12.38 1.09
N THR A 482 -22.56 -12.35 -0.16
CA THR A 482 -21.25 -12.92 -0.49
C THR A 482 -20.07 -12.30 0.25
N VAL A 483 -20.27 -11.14 0.88
CA VAL A 483 -19.17 -10.51 1.62
C VAL A 483 -18.76 -11.44 2.77
N TRP A 484 -19.68 -12.28 3.23
CA TRP A 484 -19.37 -13.22 4.31
C TRP A 484 -18.41 -14.34 3.86
N ILE A 485 -18.37 -14.62 2.57
CA ILE A 485 -17.45 -15.63 2.06
C ILE A 485 -16.04 -15.10 2.33
N THR A 486 -15.81 -13.84 2.01
CA THR A 486 -14.49 -13.23 2.22
C THR A 486 -14.16 -13.06 3.70
N ARG A 487 -15.11 -12.54 4.47
CA ARG A 487 -14.91 -12.37 5.91
C ARG A 487 -14.52 -13.72 6.54
N PHE A 488 -15.27 -14.76 6.17
CA PHE A 488 -15.01 -16.11 6.68
C PHE A 488 -13.60 -16.54 6.34
N TYR A 489 -13.23 -16.41 5.07
CA TYR A 489 -11.91 -16.84 4.66
C TYR A 489 -10.79 -16.07 5.35
N ILE A 490 -10.88 -14.75 5.46
CA ILE A 490 -9.78 -14.02 6.09
C ILE A 490 -9.75 -14.21 7.61
N ILE A 491 -10.89 -14.53 8.20
CA ILE A 491 -10.92 -14.82 9.63
C ILE A 491 -10.17 -16.16 9.78
N GLY A 492 -10.35 -17.06 8.81
CA GLY A 492 -9.67 -18.35 8.86
C GLY A 492 -8.16 -18.13 8.74
N LEU A 493 -7.75 -17.23 7.87
CA LEU A 493 -6.33 -16.92 7.73
C LEU A 493 -5.75 -16.42 9.06
N PHE A 494 -6.53 -15.65 9.81
CA PHE A 494 -6.05 -15.13 11.09
C PHE A 494 -5.86 -16.30 12.06
N LEU A 495 -6.80 -17.25 12.03
CA LEU A 495 -6.78 -18.45 12.87
C LEU A 495 -5.53 -19.27 12.55
N PHE A 496 -5.25 -19.42 11.26
CA PHE A 496 -4.09 -20.18 10.79
C PHE A 496 -2.79 -19.56 11.25
N LEU A 497 -2.70 -18.24 11.12
CA LEU A 497 -1.50 -17.52 11.52
C LEU A 497 -1.31 -17.60 13.03
N THR A 498 -2.41 -17.58 13.77
CA THR A 498 -2.31 -17.68 15.21
C THR A 498 -1.78 -19.07 15.56
N PHE A 499 -2.21 -20.08 14.82
CA PHE A 499 -1.74 -21.44 15.06
C PHE A 499 -0.22 -21.52 14.81
N LEU A 500 0.25 -20.83 13.78
CA LEU A 500 1.68 -20.85 13.48
C LEU A 500 2.49 -20.16 14.58
N VAL A 501 1.94 -19.11 15.17
CA VAL A 501 2.62 -18.40 16.25
C VAL A 501 2.66 -19.32 17.48
N PHE A 502 1.62 -20.13 17.64
CA PHE A 502 1.54 -21.07 18.74
C PHE A 502 2.63 -22.14 18.55
N LEU A 503 2.82 -22.58 17.30
CA LEU A 503 3.84 -23.57 16.99
C LEU A 503 5.24 -23.00 17.18
N ALA A 504 5.41 -21.73 16.87
CA ALA A 504 6.70 -21.08 17.04
C ALA A 504 7.02 -21.06 18.55
N GLU A 505 5.99 -20.84 19.37
CA GLU A 505 6.14 -20.81 20.83
C GLU A 505 6.71 -22.15 21.29
N ARG A 506 6.05 -23.22 20.84
CA ARG A 506 6.42 -24.59 21.21
C ARG A 506 7.79 -25.01 20.71
N ARG A 507 8.16 -24.48 19.56
CA ARG A 507 9.44 -24.80 19.00
C ARG A 507 10.51 -24.17 19.88
N ARG A 508 10.23 -22.94 20.29
CA ARG A 508 11.11 -22.17 21.14
C ARG A 508 11.31 -22.88 22.49
N ASN A 509 10.23 -23.44 23.02
CA ASN A 509 10.25 -24.16 24.29
C ASN A 509 11.04 -25.44 24.15
N HIS A 510 10.84 -26.10 23.01
CA HIS A 510 11.50 -27.36 22.69
C HIS A 510 12.99 -27.15 22.55
N GLU A 511 13.32 -26.03 21.92
CA GLU A 511 14.68 -25.61 21.64
C GLU A 511 15.39 -25.12 22.91
N SER A 512 14.63 -24.51 23.81
CA SER A 512 15.19 -24.02 25.07
C SER A 512 15.56 -25.20 25.96
N ALA A 513 14.63 -26.15 26.06
CA ALA A 513 14.83 -27.36 26.86
C ALA A 513 15.88 -28.24 26.20
N GLY A 514 16.53 -27.69 25.18
CA GLY A 514 17.58 -28.39 24.47
C GLY A 514 18.80 -27.53 24.73
N THR A 515 18.53 -26.31 25.20
CA THR A 515 19.56 -25.33 25.52
C THR A 515 19.90 -25.45 27.01
N LEU A 516 19.33 -26.46 27.65
CA LEU A 516 19.58 -26.74 29.07
C LEU A 516 20.35 -28.06 29.12
C1 BOG B . 12.19 22.86 16.02
O1 BOG B . 10.88 22.66 15.46
C2 BOG B . 12.18 24.09 16.99
O2 BOG B . 11.76 25.25 16.27
C3 BOG B . 13.59 24.27 17.60
O3 BOG B . 13.60 25.39 18.48
C4 BOG B . 13.98 22.99 18.38
O4 BOG B . 15.27 23.14 18.97
C5 BOG B . 13.96 21.76 17.38
O5 BOG B . 12.63 21.65 16.78
C6 BOG B . 14.30 20.46 18.13
O6 BOG B . 13.34 20.12 19.13
C1' BOG B . 10.84 21.56 14.55
C2' BOG B . 9.55 21.62 13.78
C3' BOG B . 8.69 20.44 14.16
C4' BOG B . 7.36 20.41 13.44
C5' BOG B . 6.55 19.20 13.89
C6' BOG B . 5.10 19.58 14.10
C7' BOG B . 4.28 18.41 14.57
C8' BOG B . 2.86 18.81 14.76
C1 BOG C . -5.59 -16.72 -25.24
O1 BOG C . -5.51 -15.28 -25.17
C2 BOG C . -6.94 -17.12 -25.89
O2 BOG C . -8.04 -16.59 -25.13
C3 BOG C . -7.03 -18.69 -25.97
O3 BOG C . -8.25 -19.06 -26.55
C4 BOG C . -5.85 -19.22 -26.82
O4 BOG C . -5.90 -20.64 -26.92
C5 BOG C . -4.49 -18.77 -26.15
O5 BOG C . -4.48 -17.30 -26.05
C6 BOG C . -3.29 -19.26 -26.98
O6 BOG C . -2.78 -18.27 -27.87
C1' BOG C . -4.32 -14.67 -24.61
C2' BOG C . -3.45 -15.58 -23.77
C3' BOG C . -2.02 -15.19 -24.03
C4' BOG C . -1.01 -16.01 -23.27
C5' BOG C . 0.40 -15.54 -23.60
C6' BOG C . 0.89 -14.51 -22.60
C7' BOG C . 2.27 -14.02 -22.90
C8' BOG C . 2.70 -13.01 -21.88
C1 BOG D . -8.65 -21.20 -15.10
O1 BOG D . -9.10 -21.99 -14.00
C2 BOG D . -9.26 -21.80 -16.41
O2 BOG D . -8.85 -23.15 -16.53
C3 BOG D . -8.81 -20.96 -17.63
O3 BOG D . -9.38 -21.49 -18.82
C4 BOG D . -9.28 -19.48 -17.41
O4 BOG D . -8.87 -18.68 -18.50
C5 BOG D . -8.63 -18.93 -16.09
O5 BOG D . -9.07 -19.79 -14.98
C6 BOG D . -9.09 -17.48 -15.85
O6 BOG D . -10.46 -17.37 -15.47
C1' BOG D . -8.58 -21.58 -12.74
C2' BOG D . -9.16 -22.52 -11.72
C3' BOG D . -8.43 -22.41 -10.42
C4' BOG D . -9.00 -23.35 -9.39
C5' BOG D . -8.24 -23.23 -8.06
C6' BOG D . -6.86 -23.89 -8.18
C7' BOG D . -6.07 -23.77 -6.92
C8' BOG D . -4.74 -24.42 -7.08
C1 BOG E . -13.46 -22.31 -14.00
O1 BOG E . -13.74 -22.39 -12.60
C2 BOG E . -14.65 -22.92 -14.79
O2 BOG E . -14.85 -24.27 -14.41
C3 BOG E . -14.36 -22.81 -16.34
O3 BOG E . -15.44 -23.35 -17.08
C4 BOG E . -14.16 -21.30 -16.68
O4 BOG E . -13.89 -21.14 -18.07
C5 BOG E . -12.97 -20.71 -15.84
O5 BOG E . -13.26 -20.90 -14.41
C6 BOG E . -12.78 -19.22 -16.16
O6 BOG E . -13.63 -18.38 -15.37
C1' BOG E . -12.69 -21.85 -11.83
C2' BOG E . -12.90 -22.18 -10.40
C3' BOG E . -12.29 -21.09 -9.57
C4' BOG E . -12.45 -21.36 -8.09
C5' BOG E . -11.81 -20.23 -7.31
C6' BOG E . -12.61 -19.98 -6.05
C7' BOG E . -12.03 -18.87 -5.24
C8' BOG E . -12.87 -18.68 -4.02
C1 BOG F . -19.34 -22.83 -12.95
O1 BOG F . -18.23 -22.00 -13.33
C2 BOG F . -20.15 -23.22 -14.23
O2 BOG F . -20.60 -22.04 -14.89
C3 BOG F . -21.34 -24.14 -13.82
O3 BOG F . -22.09 -24.49 -14.98
C4 BOG F . -20.79 -25.40 -13.12
O4 BOG F . -21.86 -26.26 -12.74
C5 BOG F . -19.97 -24.97 -11.85
O5 BOG F . -18.89 -24.07 -12.27
C6 BOG F . -19.41 -26.21 -11.13
O6 BOG F . -18.07 -26.53 -11.53
C1' BOG F . -17.40 -21.63 -12.23
C2' BOG F . -17.63 -20.24 -11.71
C3' BOG F . -16.94 -20.21 -10.38
C4' BOG F . -17.03 -18.91 -9.62
C5' BOG F . -16.27 -19.11 -8.30
C6' BOG F . -16.67 -18.11 -7.27
C7' BOG F . -15.92 -18.32 -5.98
C8' BOG F . -16.32 -17.32 -4.94
NA NA G . 6.52 0.31 -4.58
NA NA H . 2.87 5.14 -1.10
N LEU I . 2.56 1.94 0.34
CA LEU I . 2.10 1.12 -0.78
C LEU I . 1.40 1.99 -1.83
O LEU I . 0.97 1.43 -2.85
CB LEU I . 1.11 0.06 -0.28
CG LEU I . 1.58 -0.79 0.91
CD1 LEU I . 0.47 -1.79 1.27
CD2 LEU I . 2.85 -1.53 0.57
OXT LEU I . 1.29 3.21 -1.60
C18 DSM J . -13.25 -1.01 -6.51
N2 DSM J . -12.75 -0.61 -5.18
C17 DSM J . -11.27 -0.49 -5.15
C16 DSM J . -10.70 -0.54 -3.76
C15 DSM J . -9.15 -0.77 -3.78
N1 DSM J . -8.27 0.41 -4.13
C14 DSM J . -8.73 1.77 -3.95
C1 DSM J . -9.21 2.27 -2.69
C2 DSM J . -9.66 3.62 -2.58
C3 DSM J . -9.57 4.48 -3.68
C4 DSM J . -9.10 3.99 -4.89
C13 DSM J . -8.65 2.66 -5.04
C5 DSM J . -8.13 2.24 -6.38
C6 DSM J . -6.64 1.94 -6.43
C12 DSM J . -6.08 0.86 -5.47
C11 DSM J . -6.85 0.15 -4.42
C7 DSM J . -4.72 0.48 -5.62
C8 DSM J . -4.11 -0.47 -4.83
C9 DSM J . -4.81 -1.14 -3.83
C10 DSM J . -6.18 -0.83 -3.63
C18 DSM K . 19.62 -5.56 -16.19
N2 DSM K . 19.31 -6.13 -14.84
C17 DSM K . 17.95 -5.74 -14.31
C16 DSM K . 16.86 -6.71 -14.67
C15 DSM K . 16.74 -7.83 -13.61
N1 DSM K . 15.79 -7.52 -12.49
C14 DSM K . 14.38 -7.45 -12.78
C1 DSM K . 13.76 -6.22 -13.20
C2 DSM K . 12.36 -6.18 -13.48
C3 DSM K . 11.59 -7.34 -13.36
C4 DSM K . 12.20 -8.52 -12.96
C13 DSM K . 13.58 -8.61 -12.67
C5 DSM K . 14.10 -9.94 -12.25
C6 DSM K . 14.68 -10.07 -10.85
C12 DSM K . 15.76 -9.05 -10.37
C11 DSM K . 16.23 -7.85 -11.13
C7 DSM K . 16.27 -9.23 -9.06
C8 DSM K . 17.23 -8.39 -8.50
C9 DSM K . 17.70 -7.27 -9.21
C10 DSM K . 17.22 -7.02 -10.53
#